data_4F38
#
_entry.id   4F38
#
_cell.length_a   46.000
_cell.length_b   71.576
_cell.length_c   136.030
_cell.angle_alpha   90.00
_cell.angle_beta   90.00
_cell.angle_gamma   90.00
#
_symmetry.space_group_name_H-M   'P 21 21 21'
#
loop_
_entity.id
_entity.type
_entity.pdbx_description
1 polymer 'Transforming protein RhoA'
2 polymer 'Rho GDP-dissociation inhibitor 1'
3 non-polymer 'GERAN-8-YL GERAN'
4 non-polymer 'MAGNESIUM ION'
5 non-polymer 'PHOSPHOAMINOPHOSPHONIC ACID-GUANYLATE ESTER'
6 water water
#
loop_
_entity_poly.entity_id
_entity_poly.type
_entity_poly.pdbx_seq_one_letter_code
_entity_poly.pdbx_strand_id
1 'polypeptide(L)'
;GHMAAIRKKLVIVGDGACGKTCLLIVFSKDQFPEVYVPTVFENYVADIEVDGKQVELALWDTAGQEDYDRLRPLSYPDTD
VILMCFSIDSPDSLENIPEKWTPEVKHFCPNVPIILVGNKKDLRNDEHTRRELAKMKQEPVKPEEGRDMANRIGAFGYME
CSAKTKDGVREVFEMATRAALQARRGKKKSGCLVL
;
A
2 'polypeptide(L)'
;GAEQEPTAEQLAQIAAENEEDEHSVNYKPPAQKSIQEIQELDKDDESLRKYKEALLGRVAVSADPNVPNVVVTRLTLVCS
TAPGPLELDLTGDLESFKKQSFVLKEGVEYRIKISFRVNREIVSGMKYIQHTYRKGVKIDKTDYMVGSYGPRAEEYEFLT
PMEEAPKGMLARGSYNIKSRFTDDDRTDHLSWEWNLTIKKEWKD
;
B
#
loop_
_chem_comp.id
_chem_comp.type
_chem_comp.name
_chem_comp.formula
GER non-polymer 'GERAN-8-YL GERAN' 'C20 H34'
GNP non-polymer 'PHOSPHOAMINOPHOSPHONIC ACID-GUANYLATE ESTER' 'C10 H17 N6 O13 P3'
MG non-polymer 'MAGNESIUM ION' 'Mg 2'
#
# COMPACT_ATOMS: atom_id res chain seq x y z
N MET A 3 -20.03 -22.04 -0.59
CA MET A 3 -19.89 -21.14 0.60
C MET A 3 -18.64 -20.24 0.58
N ALA A 4 -17.45 -20.84 0.49
CA ALA A 4 -16.19 -20.08 0.52
C ALA A 4 -15.98 -19.31 -0.80
N ALA A 5 -15.04 -18.37 -0.82
CA ALA A 5 -15.06 -17.34 -1.84
C ALA A 5 -13.73 -16.60 -1.93
N ILE A 6 -13.55 -15.88 -3.02
CA ILE A 6 -12.45 -14.96 -3.15
C ILE A 6 -12.49 -13.92 -2.02
N ARG A 7 -11.37 -13.71 -1.35
CA ARG A 7 -11.31 -12.68 -0.34
C ARG A 7 -10.38 -11.51 -0.73
N LYS A 8 -10.99 -10.32 -0.80
CA LYS A 8 -10.26 -9.12 -1.17
C LYS A 8 -10.13 -8.20 0.03
N LYS A 9 -8.94 -7.60 0.19
CA LYS A 9 -8.69 -6.71 1.32
C LYS A 9 -8.99 -5.26 0.94
N LEU A 10 -9.74 -4.59 1.83
CA LEU A 10 -10.21 -3.22 1.61
C LEU A 10 -9.87 -2.37 2.82
N VAL A 11 -9.23 -1.23 2.60
CA VAL A 11 -8.84 -0.39 3.73
C VAL A 11 -9.46 1.00 3.61
N ILE A 12 -9.93 1.55 4.71
CA ILE A 12 -10.62 2.83 4.58
C ILE A 12 -9.90 3.99 5.30
N VAL A 13 -9.57 5.03 4.55
CA VAL A 13 -8.78 6.14 5.07
C VAL A 13 -9.52 7.47 4.97
N GLY A 14 -8.97 8.47 5.63
CA GLY A 14 -9.61 9.77 5.73
C GLY A 14 -9.44 10.49 7.06
N ASP A 15 -9.61 11.79 7.00
CA ASP A 15 -9.41 12.61 8.14
C ASP A 15 -10.29 12.05 9.13
N GLY A 16 -10.29 12.60 10.31
CA GLY A 16 -11.08 12.07 11.38
C GLY A 16 -12.34 12.84 11.45
N ALA A 17 -13.44 12.21 11.77
CA ALA A 17 -14.68 12.89 11.85
C ALA A 17 -15.39 12.78 10.54
N CYS A 18 -14.88 11.95 9.66
CA CYS A 18 -15.43 11.89 8.33
C CYS A 18 -16.44 10.78 8.14
N GLY A 19 -16.58 9.93 9.13
CA GLY A 19 -17.64 8.93 9.08
C GLY A 19 -17.15 7.54 8.74
N LYS A 20 -15.84 7.31 8.87
CA LYS A 20 -15.25 6.03 8.42
C LYS A 20 -15.84 4.89 9.21
N THR A 21 -15.68 4.95 10.53
CA THR A 21 -16.13 3.93 11.44
C THR A 21 -17.61 3.66 11.29
N CYS A 22 -18.42 4.70 11.10
CA CYS A 22 -19.88 4.52 11.08
C CYS A 22 -20.32 3.73 9.89
N LEU A 23 -19.72 4.05 8.76
CA LEU A 23 -20.03 3.40 7.50
C LEU A 23 -19.86 1.90 7.65
N LEU A 24 -18.73 1.54 8.27
CA LEU A 24 -18.38 0.16 8.50
C LEU A 24 -19.33 -0.56 9.46
N ILE A 25 -19.70 0.14 10.53
CA ILE A 25 -20.60 -0.43 11.49
C ILE A 25 -21.87 -0.83 10.79
N VAL A 26 -22.39 0.07 9.98
CA VAL A 26 -23.72 -0.10 9.36
C VAL A 26 -23.65 -1.17 8.29
N PHE A 27 -22.47 -1.33 7.72
CA PHE A 27 -22.31 -2.34 6.75
C PHE A 27 -22.37 -3.74 7.36
N SER A 28 -21.75 -3.93 8.50
CA SER A 28 -21.87 -5.18 9.26
C SER A 28 -23.20 -5.29 10.00
N LYS A 29 -23.29 -4.54 11.11
CA LYS A 29 -24.40 -4.60 12.08
C LYS A 29 -25.75 -4.25 11.55
N ASP A 30 -25.77 -3.35 10.57
CA ASP A 30 -27.00 -2.83 9.97
C ASP A 30 -27.72 -1.74 10.85
N GLN A 31 -27.24 -1.45 12.06
CA GLN A 31 -27.89 -0.39 12.89
C GLN A 31 -26.95 0.72 13.36
N PHE A 32 -27.19 1.91 12.80
CA PHE A 32 -26.37 3.09 13.09
C PHE A 32 -26.25 3.31 14.60
N PRO A 33 -25.02 3.48 15.07
CA PRO A 33 -24.79 3.67 16.48
C PRO A 33 -25.79 4.61 17.13
N GLU A 34 -26.44 4.09 18.15
CA GLU A 34 -27.39 4.84 18.94
C GLU A 34 -26.67 5.76 19.94
N VAL A 35 -25.62 5.27 20.58
CA VAL A 35 -25.08 5.95 21.77
C VAL A 35 -23.64 6.39 21.62
N TYR A 36 -22.79 5.41 21.31
CA TYR A 36 -21.34 5.53 21.38
C TYR A 36 -20.76 5.00 20.08
N VAL A 37 -19.80 5.74 19.54
CA VAL A 37 -19.09 5.35 18.33
C VAL A 37 -17.68 4.93 18.75
N PRO A 38 -17.24 3.71 18.35
CA PRO A 38 -15.83 3.47 18.64
C PRO A 38 -14.93 4.31 17.70
N THR A 39 -13.73 4.65 18.18
CA THR A 39 -12.72 5.29 17.35
C THR A 39 -12.50 4.42 16.11
N VAL A 40 -12.11 3.17 16.35
CA VAL A 40 -11.82 2.22 15.29
C VAL A 40 -12.65 0.97 15.47
N PHE A 41 -13.36 0.57 14.42
CA PHE A 41 -14.08 -0.69 14.37
C PHE A 41 -13.07 -1.81 14.09
N GLU A 42 -13.19 -2.89 14.87
CA GLU A 42 -12.43 -4.08 14.61
C GLU A 42 -12.68 -4.49 13.18
N ASN A 43 -11.63 -4.93 12.51
CA ASN A 43 -11.79 -5.48 11.19
C ASN A 43 -12.61 -6.77 11.18
N TYR A 44 -13.29 -6.99 10.06
CA TYR A 44 -14.15 -8.15 9.91
C TYR A 44 -14.31 -8.44 8.44
N VAL A 45 -15.05 -9.48 8.08
CA VAL A 45 -15.31 -9.69 6.67
C VAL A 45 -16.78 -9.78 6.32
N ALA A 46 -17.11 -9.29 5.14
CA ALA A 46 -18.46 -9.26 4.64
C ALA A 46 -18.63 -10.08 3.33
N ASP A 47 -19.51 -11.07 3.37
CA ASP A 47 -19.92 -11.74 2.14
C ASP A 47 -20.80 -10.72 1.40
N ILE A 48 -20.53 -10.52 0.12
CA ILE A 48 -21.28 -9.59 -0.73
C ILE A 48 -21.37 -10.18 -2.14
N GLU A 49 -22.50 -9.99 -2.81
CA GLU A 49 -22.75 -10.69 -4.06
C GLU A 49 -22.84 -9.65 -5.17
N VAL A 50 -21.88 -9.64 -6.09
CA VAL A 50 -21.80 -8.59 -7.10
C VAL A 50 -21.60 -9.15 -8.50
N ASP A 51 -22.49 -8.75 -9.41
CA ASP A 51 -22.56 -9.29 -10.78
C ASP A 51 -22.76 -10.80 -10.68
N GLY A 52 -23.60 -11.22 -9.72
CA GLY A 52 -23.83 -12.63 -9.43
C GLY A 52 -22.54 -13.40 -9.17
N LYS A 53 -21.65 -12.78 -8.39
CA LYS A 53 -20.46 -13.46 -7.95
C LYS A 53 -20.29 -13.34 -6.43
N GLN A 54 -20.44 -14.47 -5.74
CA GLN A 54 -20.07 -14.63 -4.34
C GLN A 54 -18.67 -14.09 -4.08
N VAL A 55 -18.54 -13.06 -3.27
CA VAL A 55 -17.21 -12.48 -3.02
C VAL A 55 -17.05 -12.08 -1.57
N GLU A 56 -15.85 -12.25 -1.03
CA GLU A 56 -15.63 -11.93 0.36
C GLU A 56 -14.74 -10.71 0.53
N LEU A 57 -15.08 -9.86 1.49
CA LEU A 57 -14.46 -8.56 1.62
C LEU A 57 -13.93 -8.26 3.03
N ALA A 58 -12.60 -8.23 3.18
CA ALA A 58 -12.00 -7.98 4.49
C ALA A 58 -11.86 -6.49 4.65
N LEU A 59 -12.44 -5.98 5.73
CA LEU A 59 -12.64 -4.55 5.90
C LEU A 59 -11.86 -4.02 7.08
N TRP A 60 -11.01 -3.05 6.80
CA TRP A 60 -10.19 -2.44 7.83
C TRP A 60 -10.49 -0.95 8.00
N ASP A 61 -10.99 -0.62 9.19
CA ASP A 61 -11.14 0.75 9.69
C ASP A 61 -9.76 1.18 10.10
N THR A 62 -9.51 2.48 10.12
CA THR A 62 -8.22 3.05 10.53
C THR A 62 -8.36 4.28 11.46
N ALA A 63 -7.25 4.70 12.04
CA ALA A 63 -7.21 5.90 12.88
C ALA A 63 -6.58 6.99 12.05
N GLY A 64 -7.36 8.01 11.74
CA GLY A 64 -6.95 9.00 10.74
C GLY A 64 -6.18 10.16 11.32
N GLN A 65 -6.03 10.16 12.65
CA GLN A 65 -5.36 11.26 13.36
C GLN A 65 -3.88 11.19 13.09
N GLU A 66 -3.23 12.35 13.10
CA GLU A 66 -1.82 12.48 12.69
C GLU A 66 -0.84 11.73 13.60
N ASP A 67 -1.17 11.56 14.86
CA ASP A 67 -0.27 10.79 15.76
C ASP A 67 -0.20 9.29 15.41
N TYR A 68 -0.93 8.86 14.40
CA TYR A 68 -0.83 7.49 13.93
C TYR A 68 -0.33 7.36 12.51
N ASP A 69 0.17 8.48 11.97
CA ASP A 69 0.83 8.55 10.69
C ASP A 69 1.82 7.41 10.43
N ARG A 70 2.38 6.83 11.50
CA ARG A 70 3.38 5.77 11.44
C ARG A 70 2.76 4.39 11.65
N LEU A 71 1.76 4.32 12.55
CA LEU A 71 1.04 3.10 12.86
C LEU A 71 0.12 2.71 11.70
N ARG A 72 -0.66 3.67 11.21
CA ARG A 72 -1.66 3.42 10.17
C ARG A 72 -1.22 2.61 8.92
N PRO A 73 -0.05 2.94 8.30
CA PRO A 73 0.36 2.22 7.08
C PRO A 73 0.68 0.72 7.26
N LEU A 74 0.74 0.25 8.51
CA LEU A 74 0.92 -1.15 8.76
C LEU A 74 -0.15 -1.95 8.06
N SER A 75 -1.36 -1.41 7.87
CA SER A 75 -2.39 -2.20 7.18
C SER A 75 -2.48 -2.07 5.67
N TYR A 76 -1.65 -1.22 5.06
CA TYR A 76 -1.68 -1.14 3.61
C TYR A 76 -1.19 -2.39 2.89
N PRO A 77 -0.16 -3.11 3.43
CA PRO A 77 0.27 -4.20 2.53
C PRO A 77 -0.89 -5.13 2.28
N ASP A 78 -0.90 -5.83 1.13
CA ASP A 78 -1.96 -6.79 0.76
C ASP A 78 -3.23 -6.18 0.16
N THR A 79 -3.44 -4.90 0.44
CA THR A 79 -4.68 -4.19 0.11
C THR A 79 -5.04 -4.28 -1.36
N ASP A 80 -6.29 -4.62 -1.61
CA ASP A 80 -6.84 -4.73 -2.96
C ASP A 80 -7.52 -3.46 -3.45
N VAL A 81 -8.09 -2.70 -2.52
CA VAL A 81 -8.73 -1.44 -2.85
C VAL A 81 -8.81 -0.53 -1.65
N ILE A 82 -8.81 0.76 -1.90
CA ILE A 82 -8.89 1.78 -0.87
C ILE A 82 -10.10 2.73 -1.02
N LEU A 83 -10.92 2.75 0.03
CA LEU A 83 -12.02 3.72 0.13
C LEU A 83 -11.46 4.91 0.85
N MET A 84 -11.34 5.99 0.10
CA MET A 84 -10.85 7.23 0.65
C MET A 84 -12.03 8.14 0.97
N CYS A 85 -12.17 8.46 2.25
CA CYS A 85 -13.34 9.19 2.70
C CYS A 85 -13.14 10.66 3.02
N PHE A 86 -14.19 11.42 2.74
CA PHE A 86 -14.30 12.75 3.27
C PHE A 86 -15.72 12.92 3.69
N SER A 87 -15.97 13.90 4.53
CA SER A 87 -17.34 14.21 4.85
C SER A 87 -17.93 15.31 3.95
N ILE A 88 -19.15 15.06 3.48
CA ILE A 88 -19.89 16.04 2.65
C ILE A 88 -20.17 17.31 3.44
N ASP A 89 -20.24 17.20 4.75
CA ASP A 89 -20.51 18.38 5.56
C ASP A 89 -19.22 19.08 6.04
N SER A 90 -18.10 18.77 5.39
CA SER A 90 -16.81 19.35 5.76
C SER A 90 -15.95 19.61 4.55
N PRO A 91 -16.03 20.82 4.02
CA PRO A 91 -15.10 21.10 2.94
C PRO A 91 -13.67 20.96 3.38
N ASP A 92 -13.37 21.17 4.66
CA ASP A 92 -11.98 20.96 5.15
C ASP A 92 -11.46 19.52 4.90
N SER A 93 -12.34 18.51 4.99
CA SER A 93 -11.91 17.12 4.76
C SER A 93 -11.62 16.79 3.30
N LEU A 94 -12.35 17.44 2.40
CA LEU A 94 -12.20 17.26 0.98
C LEU A 94 -10.91 17.93 0.52
N GLU A 95 -10.60 19.09 1.10
CA GLU A 95 -9.33 19.78 0.91
C GLU A 95 -8.15 18.88 1.25
N ASN A 96 -8.29 18.07 2.29
CA ASN A 96 -7.21 17.22 2.73
C ASN A 96 -6.92 15.98 1.87
N ILE A 97 -7.78 15.74 0.87
CA ILE A 97 -7.70 14.56 0.01
C ILE A 97 -6.43 14.53 -0.85
N PRO A 98 -6.15 15.61 -1.58
CA PRO A 98 -4.89 15.62 -2.32
C PRO A 98 -3.69 16.21 -1.54
N GLU A 99 -3.90 16.57 -0.28
CA GLU A 99 -2.81 17.07 0.56
C GLU A 99 -2.25 15.91 1.35
N LYS A 100 -3.09 15.28 2.15
CA LYS A 100 -2.65 14.17 2.96
C LYS A 100 -2.93 12.80 2.33
N TRP A 101 -4.18 12.53 1.94
CA TRP A 101 -4.59 11.15 1.69
C TRP A 101 -4.04 10.48 0.46
N THR A 102 -4.16 11.13 -0.67
CA THR A 102 -3.69 10.48 -1.89
C THR A 102 -2.18 10.44 -2.00
N PRO A 103 -1.44 11.44 -1.44
CA PRO A 103 0.01 11.24 -1.40
C PRO A 103 0.38 9.97 -0.61
N GLU A 104 -0.09 9.89 0.63
CA GLU A 104 0.05 8.67 1.47
C GLU A 104 -0.35 7.34 0.79
N VAL A 105 -1.50 7.35 0.12
CA VAL A 105 -2.00 6.12 -0.50
C VAL A 105 -1.24 5.79 -1.79
N LYS A 106 -1.01 6.78 -2.66
CA LYS A 106 -0.23 6.56 -3.87
C LYS A 106 1.24 6.24 -3.54
N HIS A 107 1.68 6.63 -2.35
CA HIS A 107 2.99 6.25 -1.90
C HIS A 107 3.00 4.85 -1.30
N PHE A 108 1.99 4.50 -0.50
CA PHE A 108 2.05 3.20 0.15
C PHE A 108 1.46 2.04 -0.64
N CYS A 109 0.61 2.33 -1.64
CA CYS A 109 -0.09 1.31 -2.42
C CYS A 109 -0.03 1.66 -3.88
N PRO A 110 1.18 1.71 -4.43
CA PRO A 110 1.32 2.36 -5.74
C PRO A 110 0.14 2.08 -6.70
N ASN A 111 -0.05 0.84 -7.17
CA ASN A 111 -1.03 0.68 -8.26
C ASN A 111 -2.34 0.08 -7.83
N VAL A 112 -2.86 0.58 -6.73
CA VAL A 112 -4.07 0.05 -6.13
C VAL A 112 -5.22 1.01 -6.40
N PRO A 113 -6.38 0.50 -6.88
CA PRO A 113 -7.42 1.49 -7.22
C PRO A 113 -8.05 2.14 -5.98
N ILE A 114 -8.57 3.35 -6.19
CA ILE A 114 -9.11 4.12 -5.11
C ILE A 114 -10.52 4.45 -5.47
N ILE A 115 -11.39 4.52 -4.48
CA ILE A 115 -12.71 5.06 -4.74
C ILE A 115 -13.02 6.13 -3.73
N LEU A 116 -13.37 7.29 -4.25
CA LEU A 116 -13.67 8.44 -3.43
C LEU A 116 -15.07 8.27 -2.83
N VAL A 117 -15.11 8.30 -1.51
CA VAL A 117 -16.34 8.09 -0.79
C VAL A 117 -16.75 9.35 0.02
N GLY A 118 -17.84 9.99 -0.41
CA GLY A 118 -18.34 11.20 0.25
C GLY A 118 -19.37 10.76 1.28
N ASN A 119 -19.05 10.92 2.57
CA ASN A 119 -19.92 10.44 3.65
C ASN A 119 -20.99 11.43 4.09
N LYS A 120 -22.08 10.89 4.66
CA LYS A 120 -23.15 11.71 5.24
C LYS A 120 -23.85 12.63 4.19
N LYS A 121 -24.36 12.05 3.11
CA LYS A 121 -25.25 12.76 2.20
C LYS A 121 -26.39 13.48 2.95
N ASP A 122 -26.94 12.78 3.95
CA ASP A 122 -28.16 13.24 4.60
C ASP A 122 -27.98 14.64 5.15
N LEU A 123 -26.73 15.05 5.30
CA LEU A 123 -26.40 16.37 5.79
C LEU A 123 -26.35 17.47 4.72
N ARG A 124 -26.39 17.10 3.44
CA ARG A 124 -26.30 18.09 2.34
C ARG A 124 -27.41 19.11 2.44
N ASN A 125 -28.63 18.61 2.66
CA ASN A 125 -29.80 19.48 2.75
C ASN A 125 -30.44 19.37 4.13
N ASP A 126 -29.60 19.59 5.15
CA ASP A 126 -30.00 19.63 6.55
C ASP A 126 -29.68 21.04 7.00
N GLU A 127 -30.69 21.71 7.55
CA GLU A 127 -30.62 23.12 7.86
C GLU A 127 -29.49 23.47 8.84
N HIS A 128 -29.53 22.88 10.03
CA HIS A 128 -28.52 23.16 11.05
C HIS A 128 -27.15 23.18 10.38
N THR A 129 -26.86 22.15 9.59
CA THR A 129 -25.59 21.98 8.88
C THR A 129 -25.29 23.17 7.95
N ARG A 130 -26.25 23.47 7.07
CA ARG A 130 -26.15 24.59 6.14
C ARG A 130 -25.80 25.90 6.85
N ARG A 131 -26.39 26.12 8.02
CA ARG A 131 -26.13 27.36 8.74
C ARG A 131 -24.88 27.30 9.62
N GLU A 132 -24.38 26.12 9.92
CA GLU A 132 -23.16 26.11 10.72
C GLU A 132 -21.99 26.31 9.79
N LEU A 133 -22.08 25.74 8.60
CA LEU A 133 -21.06 26.03 7.61
C LEU A 133 -21.09 27.51 7.23
N ALA A 134 -22.29 28.06 7.03
CA ALA A 134 -22.45 29.50 6.71
C ALA A 134 -21.87 30.44 7.79
N LYS A 135 -21.84 29.97 9.03
CA LYS A 135 -21.19 30.67 10.14
C LYS A 135 -19.74 31.00 9.78
N MET A 136 -19.09 30.12 9.02
CA MET A 136 -17.75 30.42 8.47
C MET A 136 -17.69 30.46 6.92
N LYS A 137 -18.66 31.11 6.30
CA LYS A 137 -18.69 31.37 4.84
C LYS A 137 -18.45 30.14 3.96
N GLN A 138 -18.95 28.98 4.41
CA GLN A 138 -18.88 27.73 3.64
C GLN A 138 -20.26 27.15 3.39
N GLU A 139 -20.36 26.33 2.36
CA GLU A 139 -21.54 25.55 2.05
C GLU A 139 -21.09 24.09 2.04
N PRO A 140 -22.05 23.13 2.09
CA PRO A 140 -21.67 21.73 1.95
C PRO A 140 -21.08 21.40 0.59
N VAL A 141 -20.34 20.32 0.52
CA VAL A 141 -19.68 19.95 -0.71
C VAL A 141 -20.68 19.53 -1.76
N LYS A 142 -20.49 20.05 -2.96
CA LYS A 142 -21.31 19.77 -4.15
C LYS A 142 -20.89 18.42 -4.74
N PRO A 143 -21.86 17.61 -5.23
CA PRO A 143 -21.48 16.37 -5.92
C PRO A 143 -20.52 16.60 -7.12
N GLU A 144 -20.62 17.74 -7.78
CA GLU A 144 -19.75 18.03 -8.89
C GLU A 144 -18.34 18.41 -8.43
N GLU A 145 -18.20 18.80 -7.17
CA GLU A 145 -16.88 19.09 -6.62
C GLU A 145 -16.17 17.78 -6.34
N GLY A 146 -16.91 16.82 -5.79
CA GLY A 146 -16.36 15.54 -5.42
C GLY A 146 -15.97 14.79 -6.67
N ARG A 147 -16.85 14.87 -7.66
CA ARG A 147 -16.71 14.18 -8.93
C ARG A 147 -15.35 14.40 -9.60
N ASP A 148 -14.89 15.63 -9.61
CA ASP A 148 -13.66 15.91 -10.35
C ASP A 148 -12.42 15.74 -9.47
N MET A 149 -12.62 15.80 -8.16
CA MET A 149 -11.63 15.32 -7.21
C MET A 149 -11.22 13.92 -7.55
N ALA A 150 -12.24 13.06 -7.71
CA ALA A 150 -12.06 11.66 -8.12
C ALA A 150 -11.25 11.62 -9.39
N ASN A 151 -11.53 12.54 -10.28
CA ASN A 151 -10.82 12.60 -11.54
C ASN A 151 -9.40 13.11 -11.32
N ARG A 152 -9.27 14.04 -10.38
CA ARG A 152 -8.01 14.70 -10.12
C ARG A 152 -7.04 13.71 -9.51
N ILE A 153 -7.51 12.92 -8.57
CA ILE A 153 -6.70 11.91 -7.87
C ILE A 153 -6.64 10.57 -8.63
N GLY A 154 -7.38 10.49 -9.74
CA GLY A 154 -7.45 9.25 -10.52
C GLY A 154 -7.97 8.11 -9.68
N ALA A 155 -9.23 8.20 -9.25
CA ALA A 155 -9.91 7.09 -8.59
C ALA A 155 -10.61 6.23 -9.64
N PHE A 156 -11.07 5.05 -9.23
CA PHE A 156 -11.94 4.20 -10.03
C PHE A 156 -13.29 4.87 -10.21
N GLY A 157 -13.79 5.52 -9.17
CA GLY A 157 -15.00 6.28 -9.26
C GLY A 157 -15.26 7.01 -7.97
N TYR A 158 -16.37 7.75 -7.97
CA TYR A 158 -16.75 8.64 -6.88
C TYR A 158 -18.11 8.16 -6.44
N MET A 159 -18.24 7.78 -5.18
CA MET A 159 -19.50 7.27 -4.71
C MET A 159 -19.81 8.01 -3.45
N GLU A 160 -21.04 8.43 -3.24
CA GLU A 160 -21.38 9.12 -1.99
C GLU A 160 -22.54 8.47 -1.24
N CYS A 161 -22.57 8.62 0.08
CA CYS A 161 -23.51 7.84 0.87
C CYS A 161 -23.78 8.48 2.22
N SER A 162 -24.65 7.82 2.99
CA SER A 162 -25.03 8.26 4.31
C SER A 162 -25.20 7.06 5.21
N ALA A 163 -24.38 6.94 6.23
CA ALA A 163 -24.47 5.77 7.09
C ALA A 163 -25.75 5.80 7.88
N LYS A 164 -26.19 7.00 8.25
CA LYS A 164 -27.37 7.17 9.11
C LYS A 164 -28.61 6.67 8.41
N THR A 165 -28.81 7.12 7.17
CA THR A 165 -30.04 6.82 6.44
C THR A 165 -29.93 5.54 5.63
N LYS A 166 -28.72 4.96 5.59
CA LYS A 166 -28.36 3.79 4.73
C LYS A 166 -28.22 4.05 3.22
N ASP A 167 -28.65 5.21 2.74
CA ASP A 167 -28.68 5.47 1.32
C ASP A 167 -27.33 5.33 0.66
N GLY A 168 -27.19 4.39 -0.26
CA GLY A 168 -26.00 4.33 -1.07
C GLY A 168 -24.83 3.56 -0.48
N VAL A 169 -25.01 3.01 0.71
CA VAL A 169 -23.95 2.30 1.37
C VAL A 169 -23.65 1.00 0.63
N ARG A 170 -24.71 0.26 0.30
CA ARG A 170 -24.62 -1.03 -0.36
C ARG A 170 -23.83 -0.84 -1.62
N GLU A 171 -24.21 0.23 -2.32
CA GLU A 171 -23.67 0.59 -3.62
C GLU A 171 -22.18 0.87 -3.50
N VAL A 172 -21.80 1.52 -2.41
CA VAL A 172 -20.39 1.90 -2.17
C VAL A 172 -19.47 0.70 -2.22
N PHE A 173 -19.82 -0.35 -1.49
CA PHE A 173 -19.02 -1.58 -1.42
C PHE A 173 -19.01 -2.45 -2.67
N GLU A 174 -20.10 -2.43 -3.43
CA GLU A 174 -20.11 -3.07 -4.70
C GLU A 174 -19.14 -2.40 -5.66
N MET A 175 -19.02 -1.09 -5.58
CA MET A 175 -18.02 -0.46 -6.41
C MET A 175 -16.63 -0.91 -5.97
N ALA A 176 -16.45 -1.05 -4.66
CA ALA A 176 -15.16 -1.45 -4.13
C ALA A 176 -14.80 -2.85 -4.66
N THR A 177 -15.77 -3.76 -4.59
CA THR A 177 -15.63 -5.11 -5.08
C THR A 177 -15.33 -5.09 -6.57
N ARG A 178 -16.20 -4.43 -7.32
CA ARG A 178 -15.94 -4.22 -8.74
C ARG A 178 -14.49 -3.83 -8.95
N ALA A 179 -13.99 -2.87 -8.20
CA ALA A 179 -12.60 -2.41 -8.42
C ALA A 179 -11.51 -3.38 -7.93
N ALA A 180 -11.83 -4.19 -6.92
CA ALA A 180 -10.94 -5.23 -6.44
C ALA A 180 -10.79 -6.39 -7.45
N LEU A 181 -11.91 -6.79 -8.06
CA LEU A 181 -11.97 -7.75 -9.15
C LEU A 181 -11.39 -7.24 -10.47
N GLN A 182 -11.00 -5.97 -10.50
CA GLN A 182 -10.34 -5.38 -11.64
C GLN A 182 -8.89 -5.83 -11.55
N ALA A 183 -8.25 -6.06 -12.68
CA ALA A 183 -6.85 -6.52 -12.67
C ALA A 183 -6.13 -6.22 -13.97
N ARG A 184 -5.61 -4.98 -14.06
CA ARG A 184 -4.66 -4.54 -15.12
C ARG A 184 -4.00 -3.19 -14.72
N ARG A 185 -2.76 -3.24 -14.23
CA ARG A 185 -2.06 -2.04 -13.76
C ARG A 185 -0.57 -2.32 -13.46
N GLY A 186 0.29 -1.34 -13.78
CA GLY A 186 1.72 -1.35 -13.38
C GLY A 186 2.61 -2.45 -13.96
N LYS A 187 3.92 -2.19 -14.11
CA LYS A 187 4.56 -0.90 -13.76
C LYS A 187 4.94 -0.06 -14.99
N LYS A 188 3.94 0.19 -15.84
CA LYS A 188 4.01 1.11 -17.00
C LYS A 188 5.26 1.01 -17.88
N LYS A 189 5.66 -0.23 -18.20
CA LYS A 189 6.76 -0.52 -19.12
C LYS A 189 8.21 -0.36 -18.61
N SER A 190 8.39 -0.02 -17.33
CA SER A 190 9.73 0.24 -16.77
C SER A 190 10.05 -1.01 -15.94
N GLY A 191 11.11 -1.71 -16.28
CA GLY A 191 11.91 -1.40 -17.45
C GLY A 191 12.68 -2.63 -17.89
N CYS A 192 13.13 -2.65 -19.13
CA CYS A 192 12.81 -1.58 -20.06
C CYS A 192 11.60 -2.05 -20.79
N THR B 7 23.82 -1.19 -29.76
CA THR B 7 25.11 -0.44 -29.76
C THR B 7 25.85 -0.60 -28.43
N ALA B 8 26.75 0.34 -28.18
CA ALA B 8 27.24 0.64 -26.84
C ALA B 8 26.93 2.11 -26.59
N GLU B 9 26.89 2.88 -27.68
CA GLU B 9 26.59 4.31 -27.60
C GLU B 9 25.12 4.47 -27.19
N GLN B 10 24.23 4.18 -28.14
CA GLN B 10 22.78 4.27 -27.98
C GLN B 10 22.17 3.46 -26.81
N LEU B 11 23.02 2.75 -26.06
CA LEU B 11 22.66 2.34 -24.71
C LEU B 11 22.00 3.49 -23.90
N ALA B 12 22.35 4.74 -24.24
CA ALA B 12 21.85 5.95 -23.56
C ALA B 12 20.47 6.44 -24.03
N GLN B 13 20.10 6.06 -25.25
CA GLN B 13 18.75 6.26 -25.73
C GLN B 13 17.85 5.26 -24.99
N ILE B 14 18.17 3.97 -25.10
CA ILE B 14 17.44 2.94 -24.37
C ILE B 14 17.23 3.36 -22.92
N ALA B 15 18.29 3.89 -22.32
CA ALA B 15 18.33 4.39 -20.93
C ALA B 15 17.45 5.60 -20.67
N ALA B 16 17.10 6.34 -21.71
CA ALA B 16 16.17 7.47 -21.58
C ALA B 16 14.71 7.01 -21.65
N GLU B 17 14.24 6.43 -20.53
CA GLU B 17 12.83 6.11 -20.28
C GLU B 17 12.46 6.22 -18.78
N ASN B 18 12.94 7.30 -18.15
CA ASN B 18 12.71 7.56 -16.71
C ASN B 18 11.46 8.42 -16.42
N VAL B 25 2.24 13.28 -4.72
CA VAL B 25 3.50 13.56 -4.05
C VAL B 25 3.64 15.08 -3.73
N ASN B 26 4.67 15.45 -2.96
CA ASN B 26 5.50 14.49 -2.26
C ASN B 26 4.76 14.10 -0.99
N TYR B 27 4.68 12.81 -0.78
CA TYR B 27 4.39 12.29 0.52
C TYR B 27 5.53 12.81 1.41
N LYS B 28 5.23 13.05 2.68
CA LYS B 28 6.25 13.36 3.67
C LYS B 28 6.20 12.37 4.82
N PRO B 29 7.35 11.83 5.21
CA PRO B 29 7.37 10.81 6.25
C PRO B 29 6.92 11.35 7.60
N PRO B 30 6.40 10.46 8.45
CA PRO B 30 5.84 10.88 9.73
C PRO B 30 6.92 11.32 10.68
N ALA B 31 6.61 12.26 11.57
CA ALA B 31 7.53 12.59 12.66
C ALA B 31 7.83 11.27 13.35
N GLN B 32 9.05 11.07 13.80
CA GLN B 32 9.48 9.76 14.27
C GLN B 32 8.68 9.36 15.50
N LYS B 33 8.44 8.06 15.69
CA LYS B 33 7.71 7.58 16.87
C LYS B 33 7.96 6.12 17.25
N SER B 34 8.17 5.86 18.53
CA SER B 34 8.51 4.52 19.00
C SER B 34 7.27 3.73 19.31
N ILE B 35 7.40 2.41 19.31
CA ILE B 35 6.28 1.54 19.58
C ILE B 35 5.78 1.74 20.99
N GLN B 36 6.69 1.90 21.94
CA GLN B 36 6.30 2.21 23.31
C GLN B 36 5.51 3.52 23.38
N GLU B 37 5.96 4.54 22.64
CA GLU B 37 5.26 5.83 22.59
C GLU B 37 3.90 5.66 21.95
N ILE B 38 3.82 4.82 20.93
CA ILE B 38 2.54 4.53 20.27
C ILE B 38 1.54 3.87 21.24
N GLN B 39 2.01 2.92 22.04
CA GLN B 39 1.12 2.18 22.92
C GLN B 39 0.55 3.00 24.05
N GLU B 40 1.07 4.21 24.25
CA GLU B 40 0.66 5.04 25.39
C GLU B 40 -0.32 6.16 25.08
N LEU B 41 -0.29 6.65 23.85
CA LEU B 41 -1.33 7.53 23.37
C LEU B 41 -2.68 6.86 23.52
N ASP B 42 -3.66 7.64 23.97
CA ASP B 42 -5.04 7.18 24.07
C ASP B 42 -5.10 5.78 24.67
N LYS B 43 -4.40 5.62 25.79
CA LYS B 43 -4.30 4.37 26.53
C LYS B 43 -5.65 3.96 27.13
N ASP B 44 -6.50 4.95 27.34
CA ASP B 44 -7.87 4.83 27.83
C ASP B 44 -8.85 4.11 26.86
N ASP B 45 -8.68 4.33 25.56
CA ASP B 45 -9.65 3.90 24.54
C ASP B 45 -9.51 2.43 24.16
N GLU B 46 -10.52 1.63 24.50
CA GLU B 46 -10.43 0.17 24.33
C GLU B 46 -10.43 -0.26 22.85
N SER B 47 -11.15 0.47 22.00
CA SER B 47 -11.18 0.22 20.57
C SER B 47 -9.82 0.52 19.94
N LEU B 48 -9.10 1.46 20.55
CA LEU B 48 -7.83 1.90 20.01
C LEU B 48 -6.69 0.99 20.44
N ARG B 49 -6.78 0.46 21.66
CA ARG B 49 -5.87 -0.59 22.16
C ARG B 49 -5.91 -1.81 21.26
N LYS B 50 -7.12 -2.27 20.94
CA LYS B 50 -7.35 -3.46 20.11
C LYS B 50 -6.85 -3.26 18.70
N TYR B 51 -7.19 -2.11 18.11
CA TYR B 51 -6.61 -1.67 16.85
C TYR B 51 -5.10 -1.87 16.85
N LYS B 52 -4.42 -1.35 17.88
CA LYS B 52 -2.97 -1.54 18.02
C LYS B 52 -2.58 -3.02 18.09
N GLU B 53 -3.32 -3.78 18.90
CA GLU B 53 -3.09 -5.20 19.07
C GLU B 53 -3.26 -5.96 17.76
N ALA B 54 -4.16 -5.47 16.90
CA ALA B 54 -4.43 -6.16 15.63
C ALA B 54 -3.28 -5.94 14.66
N LEU B 55 -2.54 -4.87 14.89
CA LEU B 55 -1.47 -4.49 14.01
C LEU B 55 -0.07 -4.84 14.49
N LEU B 56 0.09 -5.11 15.79
CA LEU B 56 1.42 -5.15 16.39
C LEU B 56 2.04 -6.47 16.93
N GLY B 57 1.25 -7.47 17.29
CA GLY B 57 -0.09 -7.31 17.74
C GLY B 57 0.02 -7.60 19.22
N ARG B 58 -0.44 -8.77 19.63
CA ARG B 58 -0.64 -9.10 21.05
C ARG B 58 0.84 -9.05 21.42
N VAL B 59 1.22 -8.17 22.37
CA VAL B 59 2.63 -7.93 22.73
C VAL B 59 3.32 -9.17 23.41
N ALA B 60 4.59 -9.49 23.15
CA ALA B 60 5.53 -8.54 23.74
C ALA B 60 6.70 -8.73 22.77
N VAL B 61 7.65 -7.78 22.73
CA VAL B 61 8.83 -8.00 21.84
C VAL B 61 10.27 -7.78 22.38
N SER B 62 11.26 -7.80 21.47
CA SER B 62 12.64 -7.38 21.75
C SER B 62 12.80 -5.86 21.76
N ALA B 63 13.83 -5.40 22.44
CA ALA B 63 14.27 -4.02 22.38
C ALA B 63 15.62 -3.94 23.06
N ASP B 64 16.67 -4.05 22.27
CA ASP B 64 17.96 -3.52 22.66
C ASP B 64 18.48 -2.90 21.38
N PRO B 65 18.78 -1.59 21.42
CA PRO B 65 19.13 -0.81 20.22
C PRO B 65 20.11 -1.55 19.30
N ASN B 66 20.77 -2.55 19.88
CA ASN B 66 21.98 -3.14 19.30
C ASN B 66 21.84 -3.95 18.05
N VAL B 67 20.79 -4.75 17.95
CA VAL B 67 20.47 -5.49 16.73
C VAL B 67 19.89 -4.52 15.70
N PRO B 68 20.13 -4.76 14.39
CA PRO B 68 19.47 -3.89 13.41
C PRO B 68 17.98 -4.14 13.42
N ASN B 69 17.20 -3.17 12.97
CA ASN B 69 15.76 -3.34 12.94
C ASN B 69 15.26 -4.26 11.86
N VAL B 70 15.81 -4.11 10.67
CA VAL B 70 15.39 -4.91 9.52
C VAL B 70 16.56 -5.75 9.06
N VAL B 71 16.30 -7.03 8.85
CA VAL B 71 17.26 -7.88 8.18
C VAL B 71 16.60 -8.72 7.10
N VAL B 72 17.11 -8.50 5.90
CA VAL B 72 16.63 -9.11 4.68
C VAL B 72 17.37 -10.43 4.42
N THR B 73 16.61 -11.47 4.13
CA THR B 73 17.19 -12.80 4.12
C THR B 73 17.46 -13.35 2.73
N ARG B 74 16.45 -13.32 1.87
CA ARG B 74 16.63 -13.76 0.50
C ARG B 74 15.78 -12.96 -0.43
N LEU B 75 16.28 -12.89 -1.65
CA LEU B 75 15.64 -12.29 -2.79
C LEU B 75 15.57 -13.48 -3.77
N THR B 76 14.39 -13.74 -4.31
CA THR B 76 14.12 -15.00 -5.01
C THR B 76 13.31 -14.75 -6.26
N LEU B 77 13.67 -15.42 -7.34
CA LEU B 77 12.94 -15.26 -8.57
C LEU B 77 11.84 -16.30 -8.67
N VAL B 78 10.59 -15.86 -8.59
CA VAL B 78 9.45 -16.75 -8.81
C VAL B 78 9.05 -16.64 -10.27
N CYS B 79 8.86 -17.78 -10.93
CA CYS B 79 8.64 -17.85 -12.39
C CYS B 79 8.41 -19.30 -12.80
N SER B 80 7.21 -19.62 -13.29
CA SER B 80 6.76 -21.01 -13.55
C SER B 80 7.70 -21.88 -14.38
N THR B 81 7.96 -21.52 -15.62
CA THR B 81 9.03 -22.03 -16.48
C THR B 81 10.28 -22.52 -15.70
N ALA B 82 11.01 -21.57 -15.12
CA ALA B 82 12.34 -21.79 -14.56
C ALA B 82 12.54 -23.19 -14.00
N PRO B 83 13.82 -23.73 -14.38
CA PRO B 83 14.23 -25.10 -14.14
C PRO B 83 14.97 -25.35 -12.84
N GLY B 84 15.46 -24.27 -12.23
CA GLY B 84 16.04 -24.34 -10.87
C GLY B 84 15.23 -23.31 -10.11
N PRO B 85 15.27 -23.34 -8.77
CA PRO B 85 14.88 -22.09 -8.11
C PRO B 85 16.06 -21.11 -8.05
N LEU B 86 15.79 -19.81 -8.25
CA LEU B 86 16.83 -18.77 -8.29
C LEU B 86 16.77 -17.79 -7.11
N GLU B 87 17.89 -17.68 -6.41
CA GLU B 87 17.90 -17.05 -5.12
C GLU B 87 19.22 -16.34 -4.83
N LEU B 88 19.11 -15.16 -4.25
CA LEU B 88 20.24 -14.55 -3.58
C LEU B 88 20.05 -14.70 -2.07
N ASP B 89 20.87 -15.51 -1.44
CA ASP B 89 20.90 -15.55 0.02
C ASP B 89 21.66 -14.31 0.46
N LEU B 90 20.99 -13.46 1.24
CA LEU B 90 21.60 -12.21 1.63
C LEU B 90 22.03 -12.19 3.09
N THR B 91 22.11 -13.38 3.69
CA THR B 91 22.69 -13.55 5.01
C THR B 91 24.20 -13.88 4.93
N GLY B 92 24.57 -14.74 3.97
CA GLY B 92 25.97 -15.04 3.67
C GLY B 92 26.79 -13.86 3.14
N ASP B 93 27.88 -14.16 2.44
CA ASP B 93 28.84 -13.13 2.01
C ASP B 93 28.45 -12.41 0.73
N LEU B 94 27.98 -11.17 0.88
CA LEU B 94 27.46 -10.40 -0.24
C LEU B 94 28.56 -9.96 -1.14
N GLU B 95 29.77 -9.97 -0.61
CA GLU B 95 30.94 -9.64 -1.37
C GLU B 95 31.12 -10.54 -2.60
N SER B 96 30.77 -11.81 -2.45
CA SER B 96 31.12 -12.80 -3.44
C SER B 96 30.11 -12.97 -4.60
N PHE B 97 29.13 -12.07 -4.64
CA PHE B 97 28.21 -12.02 -5.76
C PHE B 97 28.84 -11.33 -6.94
N LYS B 98 29.86 -10.53 -6.66
CA LYS B 98 30.69 -9.89 -7.68
C LYS B 98 31.41 -10.93 -8.53
N LYS B 99 31.45 -12.16 -8.02
CA LYS B 99 32.22 -13.22 -8.63
C LYS B 99 31.38 -14.27 -9.35
N GLN B 100 30.07 -14.09 -9.41
CA GLN B 100 29.20 -15.00 -10.17
C GLN B 100 28.05 -14.22 -10.79
N SER B 101 27.47 -14.77 -11.86
CA SER B 101 26.37 -14.09 -12.55
C SER B 101 25.22 -15.03 -12.89
N PHE B 102 24.00 -14.58 -12.61
CA PHE B 102 22.81 -15.41 -12.76
C PHE B 102 22.25 -15.28 -14.14
N VAL B 103 21.88 -16.40 -14.76
CA VAL B 103 21.16 -16.30 -16.02
C VAL B 103 19.69 -16.19 -15.78
N LEU B 104 19.09 -15.38 -16.62
CA LEU B 104 17.68 -15.18 -16.65
C LEU B 104 17.39 -15.36 -18.13
N LYS B 105 16.38 -16.18 -18.44
CA LYS B 105 16.01 -16.44 -19.83
C LYS B 105 15.32 -15.22 -20.39
N GLU B 106 15.77 -14.73 -21.54
CA GLU B 106 15.12 -13.60 -22.19
C GLU B 106 13.59 -13.83 -22.28
N GLY B 107 12.84 -12.74 -22.10
CA GLY B 107 11.42 -12.70 -22.43
C GLY B 107 10.46 -13.45 -21.51
N VAL B 108 10.90 -13.80 -20.31
CA VAL B 108 10.06 -14.59 -19.43
C VAL B 108 9.28 -13.69 -18.47
N GLU B 109 8.18 -14.22 -17.91
CA GLU B 109 7.47 -13.51 -16.86
C GLU B 109 8.02 -13.94 -15.51
N TYR B 110 8.33 -12.99 -14.63
CA TYR B 110 8.77 -13.29 -13.27
C TYR B 110 8.12 -12.41 -12.20
N ARG B 111 8.29 -12.77 -10.94
CA ARG B 111 8.02 -11.90 -9.80
C ARG B 111 9.24 -12.05 -8.94
N ILE B 112 9.41 -11.12 -8.01
CA ILE B 112 10.55 -11.17 -7.10
C ILE B 112 9.93 -11.28 -5.76
N LYS B 113 10.49 -12.17 -4.94
CA LYS B 113 10.00 -12.40 -3.59
C LYS B 113 11.12 -12.13 -2.58
N ILE B 114 10.82 -11.26 -1.62
CA ILE B 114 11.75 -10.81 -0.59
C ILE B 114 11.32 -11.31 0.78
N SER B 115 12.20 -12.07 1.42
CA SER B 115 11.97 -12.47 2.82
C SER B 115 12.84 -11.61 3.77
N PHE B 116 12.24 -11.18 4.88
CA PHE B 116 12.96 -10.36 5.87
C PHE B 116 12.36 -10.48 7.28
N ARG B 117 13.14 -10.06 8.26
CA ARG B 117 12.77 -10.10 9.64
C ARG B 117 12.74 -8.66 10.13
N VAL B 118 11.69 -8.31 10.87
CA VAL B 118 11.67 -7.04 11.59
C VAL B 118 11.70 -7.36 13.08
N ASN B 119 12.60 -6.68 13.78
CA ASN B 119 12.97 -7.09 15.10
C ASN B 119 12.35 -6.29 16.21
N ARG B 120 12.37 -4.96 16.07
CA ARG B 120 12.49 -4.07 17.23
C ARG B 120 11.52 -2.89 17.19
N GLU B 121 11.36 -2.31 16.01
CA GLU B 121 10.49 -1.15 15.81
C GLU B 121 9.75 -1.22 14.47
N ILE B 122 8.94 -0.21 14.21
CA ILE B 122 8.28 -0.16 12.92
C ILE B 122 9.32 0.23 11.88
N VAL B 123 9.32 -0.48 10.74
CA VAL B 123 9.95 0.02 9.53
C VAL B 123 8.84 0.81 8.87
N SER B 124 9.09 2.07 8.53
CA SER B 124 8.10 2.82 7.77
C SER B 124 8.59 3.03 6.35
N GLY B 125 7.82 2.51 5.39
CA GLY B 125 8.05 2.76 3.97
C GLY B 125 9.25 2.02 3.45
N MET B 126 9.43 0.77 3.88
CA MET B 126 10.54 0.02 3.35
C MET B 126 10.49 -0.13 1.82
N LYS B 127 11.57 0.19 1.14
CA LYS B 127 11.57 -0.15 -0.29
C LYS B 127 12.82 -0.76 -0.85
N TYR B 128 12.70 -1.30 -2.05
CA TYR B 128 13.84 -1.96 -2.68
C TYR B 128 14.13 -1.23 -3.98
N ILE B 129 15.25 -0.53 -4.01
CA ILE B 129 15.70 0.21 -5.22
C ILE B 129 16.75 -0.63 -5.92
N GLN B 130 16.68 -0.69 -7.24
CA GLN B 130 17.55 -1.58 -8.00
C GLN B 130 18.02 -0.87 -9.25
N HIS B 131 19.33 -0.61 -9.32
CA HIS B 131 19.93 0.02 -10.48
C HIS B 131 20.64 -0.99 -11.38
N THR B 132 20.29 -0.97 -12.64
CA THR B 132 20.84 -1.90 -13.57
C THR B 132 21.71 -1.23 -14.63
N TYR B 133 22.95 -1.71 -14.79
CA TYR B 133 23.97 -1.07 -15.66
C TYR B 133 24.52 -2.03 -16.70
N ARG B 134 24.85 -1.49 -17.85
CA ARG B 134 25.55 -2.31 -18.81
C ARG B 134 26.54 -1.41 -19.45
N LYS B 135 27.76 -1.91 -19.60
CA LYS B 135 28.89 -1.19 -20.17
C LYS B 135 29.03 0.16 -19.53
N GLY B 136 28.76 0.18 -18.22
CA GLY B 136 28.83 1.39 -17.37
C GLY B 136 27.76 2.42 -17.62
N VAL B 137 26.70 2.03 -18.34
CA VAL B 137 25.60 2.92 -18.60
C VAL B 137 24.42 2.42 -17.82
N LYS B 138 23.90 3.24 -16.91
CA LYS B 138 22.68 2.91 -16.17
C LYS B 138 21.55 2.83 -17.15
N ILE B 139 20.85 1.70 -17.18
CA ILE B 139 19.83 1.42 -18.19
C ILE B 139 18.45 1.18 -17.58
N ASP B 140 18.42 1.01 -16.26
CA ASP B 140 17.15 0.94 -15.54
C ASP B 140 17.30 1.33 -14.07
N LYS B 141 16.37 2.13 -13.58
CA LYS B 141 16.12 2.26 -12.16
C LYS B 141 14.77 1.59 -11.97
N THR B 142 14.61 0.86 -10.86
CA THR B 142 13.31 0.33 -10.50
C THR B 142 13.23 0.34 -8.97
N ASP B 143 12.03 0.57 -8.43
CA ASP B 143 11.81 0.37 -7.01
C ASP B 143 10.43 -0.07 -6.66
N TYR B 144 10.38 -0.99 -5.71
CA TYR B 144 9.16 -1.56 -5.25
C TYR B 144 8.98 -1.09 -3.81
N MET B 145 7.86 -0.46 -3.55
CA MET B 145 7.50 -0.17 -2.20
C MET B 145 7.15 -1.48 -1.49
N VAL B 146 7.99 -1.89 -0.55
CA VAL B 146 7.67 -3.08 0.18
C VAL B 146 6.69 -2.75 1.32
N GLY B 147 6.70 -1.51 1.81
CA GLY B 147 5.75 -1.06 2.80
C GLY B 147 6.10 -1.19 4.29
N SER B 148 5.11 -0.89 5.14
CA SER B 148 5.32 -0.79 6.58
C SER B 148 4.97 -2.04 7.36
N TYR B 149 5.81 -2.35 8.32
CA TYR B 149 5.67 -3.59 9.03
C TYR B 149 6.18 -3.34 10.40
N GLY B 150 5.56 -4.02 11.35
CA GLY B 150 5.99 -3.95 12.73
C GLY B 150 6.78 -5.20 13.03
N PRO B 151 7.47 -5.21 14.17
CA PRO B 151 8.37 -6.29 14.55
C PRO B 151 7.61 -7.52 14.96
N ARG B 152 8.11 -8.67 14.56
CA ARG B 152 7.56 -9.95 14.98
C ARG B 152 8.59 -11.04 14.74
N ALA B 153 8.44 -12.15 15.46
CA ALA B 153 9.32 -13.32 15.32
C ALA B 153 9.29 -13.87 13.90
N GLU B 154 8.10 -14.25 13.41
CA GLU B 154 7.97 -14.77 12.05
C GLU B 154 8.34 -13.74 10.94
N GLU B 155 9.11 -14.22 9.97
CA GLU B 155 9.55 -13.36 8.91
C GLU B 155 8.44 -13.04 7.92
N TYR B 156 8.70 -12.06 7.06
CA TYR B 156 7.72 -11.57 6.11
C TYR B 156 8.15 -11.91 4.68
N GLU B 157 7.16 -12.30 3.86
CA GLU B 157 7.30 -12.50 2.43
C GLU B 157 6.79 -11.22 1.76
N PHE B 158 7.27 -10.86 0.58
CA PHE B 158 6.61 -9.80 -0.17
C PHE B 158 6.90 -10.06 -1.62
N LEU B 159 5.86 -10.16 -2.42
CA LEU B 159 6.00 -10.36 -3.86
C LEU B 159 5.78 -9.07 -4.64
N THR B 160 6.69 -8.82 -5.56
CA THR B 160 6.51 -7.72 -6.49
C THR B 160 5.42 -8.12 -7.48
N PRO B 161 4.81 -7.12 -8.15
CA PRO B 161 3.89 -7.41 -9.25
C PRO B 161 4.65 -8.08 -10.38
N MET B 162 3.92 -8.85 -11.18
CA MET B 162 4.45 -9.60 -12.31
C MET B 162 5.22 -8.73 -13.27
N GLU B 163 6.36 -9.19 -13.72
CA GLU B 163 7.06 -8.48 -14.77
C GLU B 163 7.61 -9.43 -15.82
N GLU B 164 7.99 -8.89 -16.97
CA GLU B 164 8.67 -9.70 -17.98
C GLU B 164 10.07 -9.21 -18.28
N ALA B 165 11.01 -10.17 -18.29
CA ALA B 165 12.38 -9.91 -18.72
C ALA B 165 12.36 -9.39 -20.16
N PRO B 166 13.34 -8.57 -20.54
CA PRO B 166 13.35 -8.12 -21.94
C PRO B 166 13.84 -9.21 -22.88
N LYS B 167 13.82 -8.93 -24.17
CA LYS B 167 14.36 -9.86 -25.14
C LYS B 167 14.89 -9.17 -26.38
N GLY B 168 15.49 -9.97 -27.26
CA GLY B 168 16.09 -9.46 -28.48
C GLY B 168 17.59 -9.56 -28.44
N MET B 169 18.22 -9.23 -29.56
CA MET B 169 19.65 -9.40 -29.72
C MET B 169 20.36 -8.48 -28.74
N LEU B 170 19.88 -7.23 -28.63
CA LEU B 170 20.49 -6.26 -27.73
C LEU B 170 20.46 -6.67 -26.27
N ALA B 171 19.26 -7.01 -25.81
CA ALA B 171 18.99 -7.35 -24.41
C ALA B 171 19.76 -8.54 -23.87
N ARG B 172 20.28 -9.39 -24.75
CA ARG B 172 21.03 -10.56 -24.34
C ARG B 172 22.46 -10.21 -24.03
N GLY B 173 22.91 -10.64 -22.84
CA GLY B 173 24.25 -10.31 -22.39
C GLY B 173 24.29 -9.99 -20.92
N SER B 174 25.35 -9.28 -20.53
CA SER B 174 25.74 -9.14 -19.13
C SER B 174 25.43 -7.79 -18.50
N TYR B 175 24.76 -7.85 -17.35
CA TYR B 175 24.35 -6.66 -16.68
C TYR B 175 24.95 -6.64 -15.32
N ASN B 176 25.11 -5.44 -14.84
CA ASN B 176 25.72 -5.19 -13.59
C ASN B 176 24.66 -4.47 -12.75
N ILE B 177 24.42 -5.02 -11.55
CA ILE B 177 23.30 -4.56 -10.74
C ILE B 177 23.75 -4.07 -9.39
N LYS B 178 23.21 -2.91 -9.00
CA LYS B 178 23.34 -2.42 -7.64
C LYS B 178 21.95 -2.35 -7.05
N SER B 179 21.72 -3.16 -6.01
CA SER B 179 20.48 -3.18 -5.30
C SER B 179 20.72 -2.60 -3.95
N ARG B 180 19.73 -1.87 -3.42
CA ARG B 180 19.65 -1.62 -1.96
C ARG B 180 18.23 -1.63 -1.34
N PHE B 181 18.16 -1.75 -0.03
CA PHE B 181 16.90 -1.49 0.68
C PHE B 181 17.01 -0.24 1.50
N THR B 182 15.94 0.56 1.50
CA THR B 182 15.89 1.67 2.43
C THR B 182 14.49 1.82 2.98
N ASP B 183 14.14 3.01 3.47
CA ASP B 183 12.80 3.26 3.93
C ASP B 183 12.56 4.77 3.93
N ASP B 184 11.37 5.20 4.38
CA ASP B 184 11.02 6.62 4.44
C ASP B 184 11.91 7.42 5.39
N ASP B 185 12.71 6.73 6.21
CA ASP B 185 13.64 7.41 7.09
C ASP B 185 15.02 7.54 6.48
N ARG B 186 15.23 6.82 5.39
CA ARG B 186 16.53 6.75 4.71
C ARG B 186 17.57 5.81 5.36
N THR B 187 17.11 4.98 6.30
CA THR B 187 17.95 3.93 6.87
C THR B 187 18.63 3.14 5.77
N ASP B 188 19.94 3.04 5.83
CA ASP B 188 20.64 2.12 4.94
C ASP B 188 20.72 0.70 5.50
N HIS B 189 19.70 -0.10 5.23
CA HIS B 189 19.60 -1.48 5.65
C HIS B 189 20.55 -2.39 4.92
N LEU B 190 20.67 -2.24 3.63
CA LEU B 190 21.52 -3.16 2.89
C LEU B 190 21.77 -2.65 1.50
N SER B 191 22.96 -2.94 1.01
CA SER B 191 23.41 -2.54 -0.32
C SER B 191 24.29 -3.64 -0.88
N TRP B 192 24.27 -3.86 -2.18
CA TRP B 192 25.23 -4.80 -2.72
C TRP B 192 25.16 -4.78 -4.22
N GLU B 193 26.25 -5.21 -4.84
CA GLU B 193 26.16 -5.51 -6.25
C GLU B 193 26.22 -6.98 -6.58
N TRP B 194 25.62 -7.32 -7.71
CA TRP B 194 25.63 -8.64 -8.25
C TRP B 194 25.58 -8.52 -9.78
N ASN B 195 25.68 -9.66 -10.43
CA ASN B 195 25.61 -9.74 -11.87
C ASN B 195 24.50 -10.61 -12.38
N LEU B 196 24.01 -10.22 -13.53
CA LEU B 196 22.96 -10.91 -14.21
C LEU B 196 23.37 -11.11 -15.66
N THR B 197 22.99 -12.26 -16.20
CA THR B 197 23.18 -12.48 -17.60
C THR B 197 21.91 -13.03 -18.23
N ILE B 198 21.55 -12.46 -19.36
CA ILE B 198 20.33 -12.78 -20.08
C ILE B 198 20.68 -13.64 -21.29
N LYS B 199 20.13 -14.84 -21.31
CA LYS B 199 20.44 -15.78 -22.36
C LYS B 199 19.17 -16.25 -23.10
N LYS B 200 19.37 -16.89 -24.25
CA LYS B 200 18.28 -17.55 -24.99
C LYS B 200 17.58 -18.60 -24.12
N GLU B 201 18.34 -19.33 -23.29
CA GLU B 201 17.80 -20.39 -22.45
C GLU B 201 18.28 -20.25 -21.03
N TRP B 202 17.74 -21.09 -20.15
CA TRP B 202 18.23 -21.18 -18.76
C TRP B 202 19.46 -22.07 -18.66
N LYS B 203 20.26 -21.85 -17.63
CA LYS B 203 21.49 -22.61 -17.46
C LYS B 203 21.21 -24.10 -17.15
N ASP B 204 20.41 -24.33 -16.11
CA ASP B 204 20.18 -25.68 -15.50
C ASP B 204 19.25 -26.64 -16.30
C1 GER C . 15.28 -1.72 -23.27
C2 GER C . 15.94 -2.30 -22.02
C3 GER C . 17.08 -3.31 -22.20
C4 GER C . 17.67 -3.63 -23.57
C5 GER C . 17.68 -3.93 -20.94
C6 GER C . 16.76 -3.80 -19.71
C7 GER C . 16.84 -5.10 -18.92
C8 GER C . 16.54 -5.06 -17.44
C9 GER C . 16.17 -3.75 -16.79
C10 GER C . 16.63 -6.35 -16.64
C11 GER C . 16.84 -6.12 -15.16
C12 GER C . 15.78 -6.83 -14.36
C13 GER C . 16.24 -7.73 -13.25
C14 GER C . 17.70 -7.84 -12.93
C15 GER C . 15.21 -8.39 -12.36
C16 GER C . 15.70 -9.65 -11.68
C17 GER C . 15.64 -9.45 -10.19
C18 GER C . 15.80 -10.69 -9.35
C19 GER C . 15.83 -10.61 -7.85
C20 GER C . 16.00 -12.02 -10.00
MG MG D . -12.54 5.90 12.88
MG MG E . -17.89 -15.75 3.96
PG GNP F . -12.52 8.70 13.82
O1G GNP F . -11.29 8.94 12.97
O2G GNP F . -12.67 7.22 14.10
O3G GNP F . -12.37 9.53 15.09
N3B GNP F . -13.87 9.24 13.11
PB GNP F . -14.58 8.52 11.88
O1B GNP F . -13.96 8.94 10.62
O2B GNP F . -14.46 7.10 12.21
O3A GNP F . -16.07 8.88 11.76
PA GNP F . -17.12 8.40 12.75
O1A GNP F . -18.09 7.56 12.06
O2A GNP F . -16.47 7.88 13.96
O5' GNP F . -18.00 9.55 13.35
C5' GNP F . -18.08 10.92 12.94
C4' GNP F . -19.32 11.53 13.58
O4' GNP F . -20.30 11.86 12.56
C3' GNP F . -20.04 10.58 14.54
O3' GNP F . -20.41 11.26 15.75
C2' GNP F . -21.29 10.09 13.82
O2' GNP F . -22.41 10.23 14.66
C1' GNP F . -21.47 11.07 12.67
N9 GNP F . -21.81 10.41 11.41
C8 GNP F . -21.15 9.39 10.76
N7 GNP F . -21.74 9.03 9.63
C5 GNP F . -22.84 9.83 9.52
C6 GNP F . -23.85 9.91 8.52
O6 GNP F . -23.98 9.26 7.49
N1 GNP F . -24.79 10.88 8.80
C2 GNP F . -24.75 11.70 9.91
N2 GNP F . -25.73 12.58 10.05
N3 GNP F . -23.83 11.63 10.86
C4 GNP F . -22.90 10.69 10.61
#